data_3BIY
#
_entry.id   3BIY
#
_cell.length_a   61.513
_cell.length_b   61.513
_cell.length_c   101.153
_cell.angle_alpha   90.00
_cell.angle_beta   90.00
_cell.angle_gamma   90.00
#
_symmetry.space_group_name_H-M   'P 43'
#
loop_
_entity.id
_entity.type
_entity.pdbx_description
1 polymer 'Histone acetyltransferase p300'
2 non-polymer 'BROMIDE ION'
3 non-polymer '[(2R,3S,4R,5R)-5-(6-amino-9H-purin-9-yl)-4-hydroxy-3-(phosphonooxy)tetrahydrofuran-2-yl]methyl (3R,20R)-20-carbamoyl-3-hydroxy-2,2-dimethyl-4,8,14,22-tetraoxo-12-thia-5,9,15,21-tetraazatricos-1-yl dihydrogen diphosphate'
4 water water
#
_entity_poly.entity_id   1
_entity_poly.type   'polypeptide(L)'
_entity_poly.pdbx_seq_one_letter_code
;KFSAKRLPSTRLGTFLENRVNDFLRRQNHPESGEVTVRVVHASDKTVEVKPGMKARFVDSGEMAESFPYRTKALFAFEEI
DGVDLCFFGMHVQEYGSDCPPPNQRRVYISYLDSVHFFRPKCLRTAVYHEILIGYLEYVKKLGYTTGHIWACPPSEGDDY
IFHCHPPDQKIPKPKRLQEWYKKMLDKAVSERIVHDYKDIFKQATEDRLTSAKELPYFEGDFWPNVLEESIKELEQEEEE
RKREENTSNESTDVTKGDSKNAKKKNNKKTSKNKSSLSRGNKKKPGMPNVSNDLSQKLYATMEKHKEVFFVIRLIAGPAA
NSLPPIVDPDPLIPCDLMDGRDAFLTLARDRHLEFSSLRRAQWSTGCMLVELHTQSQDRF
;
_entity_poly.pdbx_strand_id   A
#
# COMPACT_ATOMS: atom_id res chain seq x y z
N LYS A 1 12.04 24.00 -12.01
CA LYS A 1 12.70 22.66 -11.94
C LYS A 1 11.63 21.60 -11.69
N PHE A 2 11.58 20.62 -12.58
CA PHE A 2 10.53 19.64 -12.52
C PHE A 2 11.07 18.32 -11.96
N SER A 3 12.02 18.42 -11.02
CA SER A 3 12.66 17.22 -10.45
C SER A 3 11.79 16.54 -9.41
N ALA A 4 12.11 15.28 -9.13
CA ALA A 4 11.47 14.54 -8.04
C ALA A 4 11.72 15.24 -6.68
N LYS A 5 12.96 15.63 -6.44
CA LYS A 5 13.34 16.31 -5.20
C LYS A 5 12.47 17.54 -4.96
N ARG A 6 12.11 18.26 -6.03
CA ARG A 6 11.33 19.49 -5.88
C ARG A 6 9.83 19.28 -5.66
N LEU A 7 9.34 18.05 -5.82
CA LEU A 7 7.96 17.76 -5.39
C LEU A 7 7.84 18.09 -3.90
N PRO A 8 6.72 18.72 -3.49
CA PRO A 8 6.54 19.10 -2.07
C PRO A 8 6.74 17.94 -1.09
N SER A 9 7.44 18.23 -0.01
CA SER A 9 7.76 17.19 0.96
C SER A 9 6.61 16.99 1.95
N THR A 10 6.62 15.84 2.60
CA THR A 10 5.66 15.49 3.65
C THR A 10 6.49 14.75 4.70
N ARG A 11 5.97 14.68 5.93
CA ARG A 11 6.64 13.95 7.00
C ARG A 11 6.82 12.50 6.61
N LEU A 12 5.79 11.93 6.00
CA LEU A 12 5.85 10.52 5.62
C LEU A 12 6.94 10.29 4.56
N GLY A 13 6.94 11.12 3.52
CA GLY A 13 7.92 10.96 2.43
C GLY A 13 9.32 11.11 2.98
N THR A 14 9.51 12.12 3.82
CA THR A 14 10.81 12.34 4.43
C THR A 14 11.26 11.14 5.28
N PHE A 15 10.32 10.61 6.07
CA PHE A 15 10.63 9.47 6.94
C PHE A 15 11.12 8.28 6.12
N LEU A 16 10.45 8.03 5.00
CA LEU A 16 10.75 6.86 4.19
C LEU A 16 12.07 7.08 3.46
N GLU A 17 12.28 8.26 2.90
CA GLU A 17 13.50 8.44 2.10
C GLU A 17 14.73 8.46 3.02
N ASN A 18 14.57 8.99 4.23
CA ASN A 18 15.68 8.96 5.18
C ASN A 18 16.02 7.51 5.57
N ARG A 19 15.01 6.68 5.76
CA ARG A 19 15.24 5.27 6.11
C ARG A 19 16.01 4.58 4.99
N VAL A 20 15.54 4.78 3.76
CA VAL A 20 16.16 4.12 2.60
C VAL A 20 17.58 4.63 2.36
N ASN A 21 17.80 5.95 2.39
CA ASN A 21 19.12 6.47 2.12
C ASN A 21 20.12 6.09 3.22
N ASP A 22 19.66 6.02 4.46
CA ASP A 22 20.50 5.53 5.56
C ASP A 22 20.89 4.08 5.32
N PHE A 23 19.92 3.27 4.89
CA PHE A 23 20.18 1.88 4.56
C PHE A 23 21.23 1.80 3.45
N LEU A 24 21.04 2.58 2.39
CA LEU A 24 21.99 2.56 1.28
C LEU A 24 23.38 2.99 1.72
N ARG A 25 23.47 4.00 2.57
CA ARG A 25 24.76 4.43 3.09
C ARG A 25 25.50 3.33 3.84
N ARG A 26 24.75 2.53 4.61
CA ARG A 26 25.29 1.40 5.38
C ARG A 26 25.84 0.33 4.46
N GLN A 27 25.20 0.15 3.30
CA GLN A 27 25.64 -0.89 2.36
C GLN A 27 26.90 -0.48 1.64
N ASN A 28 27.07 0.82 1.44
CA ASN A 28 28.29 1.40 0.83
C ASN A 28 28.60 0.77 -0.54
N HIS A 29 27.55 0.54 -1.33
CA HIS A 29 27.73 0.03 -2.68
C HIS A 29 28.02 1.22 -3.61
N PRO A 30 29.06 1.13 -4.45
CA PRO A 30 29.43 2.32 -5.21
C PRO A 30 28.41 2.73 -6.27
N GLU A 31 27.50 1.84 -6.61
CA GLU A 31 26.59 2.09 -7.72
C GLU A 31 25.21 2.60 -7.30
N SER A 32 24.92 2.62 -6.00
CA SER A 32 23.63 3.14 -5.54
C SER A 32 23.55 4.68 -5.70
N GLY A 33 22.33 5.14 -5.96
CA GLY A 33 22.05 6.56 -6.19
C GLY A 33 21.11 7.05 -5.12
N GLU A 34 21.00 8.37 -4.99
CA GLU A 34 20.09 8.96 -4.01
C GLU A 34 18.64 8.57 -4.30
N VAL A 35 17.91 8.17 -3.25
CA VAL A 35 16.49 7.84 -3.38
C VAL A 35 15.64 9.00 -2.83
N THR A 36 14.59 9.33 -3.56
CA THR A 36 13.63 10.38 -3.16
C THR A 36 12.29 9.69 -3.01
N VAL A 37 11.58 9.92 -1.90
CA VAL A 37 10.22 9.36 -1.74
C VAL A 37 9.25 10.52 -1.57
N ARG A 38 8.18 10.50 -2.33
CA ARG A 38 7.20 11.57 -2.26
C ARG A 38 5.78 11.05 -2.19
N VAL A 39 5.00 11.62 -1.27
CA VAL A 39 3.56 11.38 -1.28
C VAL A 39 2.99 12.38 -2.27
N VAL A 40 2.25 11.90 -3.27
CA VAL A 40 1.82 12.79 -4.35
C VAL A 40 0.30 12.93 -4.40
N HIS A 41 -0.40 12.21 -3.52
CA HIS A 41 -1.85 12.35 -3.41
C HIS A 41 -2.28 11.95 -2.03
N ALA A 42 -3.18 12.71 -1.43
CA ALA A 42 -3.76 12.30 -0.17
C ALA A 42 -5.16 12.91 -0.16
N SER A 43 -6.17 12.05 -0.03
CA SER A 43 -7.56 12.55 0.04
C SER A 43 -8.49 11.70 0.90
N ASP A 44 -9.56 12.35 1.37
CA ASP A 44 -10.61 11.72 2.18
C ASP A 44 -11.58 10.96 1.29
N LYS A 45 -11.88 9.73 1.66
CA LYS A 45 -12.80 8.88 0.91
C LYS A 45 -13.69 8.16 1.91
N THR A 46 -14.75 7.54 1.42
CA THR A 46 -15.50 6.59 2.23
C THR A 46 -15.73 5.31 1.46
N VAL A 47 -15.76 4.19 2.17
CA VAL A 47 -16.16 2.92 1.56
C VAL A 47 -17.56 2.56 2.05
N GLU A 48 -18.50 2.46 1.13
CA GLU A 48 -19.88 2.12 1.44
C GLU A 48 -20.06 0.62 1.55
N VAL A 49 -20.76 0.18 2.58
CA VAL A 49 -21.15 -1.22 2.72
C VAL A 49 -22.13 -1.61 1.59
N LYS A 50 -21.81 -2.68 0.87
CA LYS A 50 -22.58 -3.09 -0.29
C LYS A 50 -23.96 -3.64 0.11
N PRO A 51 -24.92 -3.69 -0.84
CA PRO A 51 -26.28 -4.09 -0.46
C PRO A 51 -26.35 -5.60 -0.26
N GLY A 52 -26.88 -6.03 0.88
CA GLY A 52 -26.76 -7.42 1.25
C GLY A 52 -26.13 -7.51 2.62
N MET A 53 -24.91 -6.99 2.74
CA MET A 53 -24.34 -6.72 4.05
C MET A 53 -25.05 -5.52 4.67
N LYS A 54 -25.43 -4.57 3.82
CA LYS A 54 -26.20 -3.41 4.25
C LYS A 54 -27.59 -3.84 4.73
N ALA A 55 -28.20 -4.76 4.01
CA ALA A 55 -29.52 -5.29 4.38
C ALA A 55 -29.43 -6.17 5.61
N ARG A 56 -28.30 -6.85 5.76
CA ARG A 56 -28.13 -7.82 6.83
C ARG A 56 -27.71 -7.20 8.16
N PHE A 57 -26.72 -6.30 8.13
CA PHE A 57 -26.15 -5.76 9.37
C PHE A 57 -26.35 -4.25 9.54
N VAL A 58 -26.33 -3.50 8.41
CA VAL A 58 -26.44 -2.05 8.48
C VAL A 58 -27.85 -1.62 8.85
N ASP A 59 -28.84 -2.10 8.10
CA ASP A 59 -30.26 -1.77 8.34
C ASP A 59 -30.77 -2.16 9.75
N SER A 60 -30.03 -3.06 10.39
CA SER A 60 -30.34 -3.50 11.75
C SER A 60 -29.63 -2.65 12.79
N GLY A 61 -28.70 -1.81 12.33
CA GLY A 61 -27.93 -0.94 13.21
C GLY A 61 -26.71 -1.60 13.84
N GLU A 62 -26.35 -2.79 13.37
CA GLU A 62 -25.25 -3.55 13.96
C GLU A 62 -23.89 -3.10 13.41
N MET A 63 -23.93 -2.37 12.30
CA MET A 63 -22.73 -2.02 11.54
C MET A 63 -22.93 -0.64 10.90
N ALA A 64 -21.84 0.12 10.72
CA ALA A 64 -21.92 1.41 10.03
C ALA A 64 -22.23 1.21 8.55
N GLU A 65 -22.90 2.20 7.93
CA GLU A 65 -23.23 2.13 6.51
C GLU A 65 -22.00 2.37 5.62
N SER A 66 -21.01 3.07 6.17
CA SER A 66 -19.75 3.35 5.47
C SER A 66 -18.63 3.66 6.45
N PHE A 67 -17.40 3.59 5.93
CA PHE A 67 -16.20 3.79 6.73
C PHE A 67 -15.29 4.83 6.07
N PRO A 68 -14.98 5.92 6.79
CA PRO A 68 -14.14 6.98 6.25
C PRO A 68 -12.66 6.61 6.33
N TYR A 69 -11.93 6.97 5.30
CA TYR A 69 -10.50 6.69 5.27
C TYR A 69 -9.80 7.75 4.45
N ARG A 70 -8.47 7.78 4.56
CA ARG A 70 -7.68 8.62 3.71
C ARG A 70 -6.88 7.70 2.79
N THR A 71 -6.84 8.06 1.51
CA THR A 71 -6.02 7.36 0.55
C THR A 71 -4.77 8.20 0.28
N LYS A 72 -3.62 7.54 0.18
CA LYS A 72 -2.37 8.21 -0.14
C LYS A 72 -1.69 7.44 -1.26
N ALA A 73 -1.09 8.18 -2.18
CA ALA A 73 -0.25 7.56 -3.22
C ALA A 73 1.18 7.98 -2.99
N LEU A 74 2.11 7.02 -2.95
CA LEU A 74 3.48 7.45 -2.87
C LEU A 74 4.37 6.78 -3.89
N PHE A 75 5.43 7.48 -4.27
CA PHE A 75 6.36 6.97 -5.26
C PHE A 75 7.78 7.16 -4.78
N ALA A 76 8.64 6.23 -5.18
CA ALA A 76 10.06 6.31 -4.90
C ALA A 76 10.81 6.44 -6.21
N PHE A 77 11.84 7.28 -6.19
CA PHE A 77 12.67 7.60 -7.35
C PHE A 77 14.12 7.35 -6.99
N GLU A 78 14.91 6.88 -7.95
CA GLU A 78 16.37 6.77 -7.72
C GLU A 78 17.09 7.55 -8.80
N GLU A 79 18.14 8.29 -8.40
CA GLU A 79 19.04 8.98 -9.32
C GLU A 79 19.96 7.94 -9.91
N ILE A 80 19.98 7.83 -11.25
CA ILE A 80 20.95 6.95 -11.92
C ILE A 80 21.70 7.79 -12.95
N ASP A 81 23.01 7.94 -12.76
CA ASP A 81 23.85 8.87 -13.57
C ASP A 81 23.16 10.24 -13.68
N GLY A 82 22.56 10.69 -12.59
CA GLY A 82 22.00 12.05 -12.51
C GLY A 82 20.60 12.21 -13.07
N VAL A 83 19.99 11.12 -13.51
CA VAL A 83 18.65 11.15 -14.10
C VAL A 83 17.70 10.36 -13.20
N ASP A 84 16.52 10.91 -12.94
CA ASP A 84 15.61 10.22 -12.03
C ASP A 84 14.83 9.12 -12.72
N LEU A 85 14.64 8.04 -11.98
CA LEU A 85 13.84 6.92 -12.41
C LEU A 85 12.80 6.66 -11.31
N CYS A 86 11.51 6.69 -11.67
CA CYS A 86 10.47 6.25 -10.74
C CYS A 86 10.43 4.73 -10.78
N PHE A 87 10.74 4.07 -9.65
CA PHE A 87 10.84 2.59 -9.68
C PHE A 87 9.85 1.86 -8.79
N PHE A 88 9.11 2.61 -7.96
CA PHE A 88 8.21 1.96 -7.01
C PHE A 88 7.05 2.88 -6.73
N GLY A 89 5.86 2.29 -6.64
CA GLY A 89 4.69 3.07 -6.26
C GLY A 89 3.74 2.27 -5.40
N MET A 90 2.98 2.99 -4.56
CA MET A 90 2.01 2.30 -3.72
C MET A 90 0.84 3.21 -3.43
N HIS A 91 -0.37 2.63 -3.41
CA HIS A 91 -1.57 3.32 -2.96
C HIS A 91 -2.02 2.63 -1.69
N VAL A 92 -2.30 3.41 -0.65
CA VAL A 92 -2.74 2.84 0.64
C VAL A 92 -4.05 3.45 1.11
N GLN A 93 -4.73 2.76 2.03
CA GLN A 93 -5.98 3.24 2.64
C GLN A 93 -5.72 3.26 4.12
N GLU A 94 -6.00 4.38 4.77
CA GLU A 94 -5.76 4.50 6.20
C GLU A 94 -7.03 4.84 6.97
N TYR A 95 -7.41 3.98 7.91
CA TYR A 95 -8.67 4.14 8.64
C TYR A 95 -8.29 4.57 10.06
N GLY A 96 -8.67 5.81 10.38
CA GLY A 96 -8.24 6.45 11.62
C GLY A 96 -8.90 5.99 12.90
N SER A 97 -8.56 6.69 13.97
CA SER A 97 -9.05 6.37 15.31
C SER A 97 -10.52 6.75 15.50
N ASP A 98 -11.07 7.53 14.57
CA ASP A 98 -12.47 8.00 14.61
C ASP A 98 -13.41 7.12 13.80
N CYS A 99 -12.82 6.27 12.97
CA CYS A 99 -13.55 5.38 12.11
C CYS A 99 -14.22 4.30 12.94
N PRO A 100 -15.50 3.99 12.67
CA PRO A 100 -16.19 2.93 13.42
C PRO A 100 -15.51 1.56 13.26
N PRO A 101 -15.66 0.67 14.27
CA PRO A 101 -15.23 -0.70 14.03
C PRO A 101 -16.11 -1.33 12.94
N PRO A 102 -15.60 -2.35 12.23
CA PRO A 102 -14.36 -3.06 12.50
C PRO A 102 -13.07 -2.46 11.91
N ASN A 103 -13.12 -1.24 11.34
CA ASN A 103 -11.98 -0.70 10.61
C ASN A 103 -11.02 0.25 11.36
N GLN A 104 -11.34 0.67 12.58
CA GLN A 104 -10.51 1.70 13.20
C GLN A 104 -9.05 1.28 13.43
N ARG A 105 -8.17 2.22 13.11
CA ARG A 105 -6.73 2.08 13.32
C ARG A 105 -6.10 1.01 12.44
N ARG A 106 -6.60 0.90 11.21
CA ARG A 106 -6.09 -0.09 10.27
C ARG A 106 -5.56 0.58 9.02
N VAL A 107 -4.49 0.00 8.48
CA VAL A 107 -4.06 0.40 7.14
C VAL A 107 -4.11 -0.80 6.19
N TYR A 108 -4.37 -0.49 4.93
CA TYR A 108 -4.53 -1.50 3.89
C TYR A 108 -3.78 -1.06 2.63
N ILE A 109 -2.99 -1.96 2.05
CA ILE A 109 -2.36 -1.67 0.73
C ILE A 109 -3.31 -1.92 -0.44
N SER A 110 -3.67 -0.85 -1.15
CA SER A 110 -4.56 -0.97 -2.27
C SER A 110 -3.85 -1.61 -3.46
N TYR A 111 -2.69 -1.04 -3.80
CA TYR A 111 -1.88 -1.48 -4.93
C TYR A 111 -0.43 -1.18 -4.65
N LEU A 112 0.45 -2.07 -5.09
CA LEU A 112 1.88 -1.85 -5.02
C LEU A 112 2.47 -2.29 -6.35
N ASP A 113 3.44 -1.54 -6.87
CA ASP A 113 4.02 -1.93 -8.17
C ASP A 113 5.44 -1.41 -8.27
N SER A 114 6.21 -2.00 -9.18
CA SER A 114 7.60 -1.57 -9.37
C SER A 114 8.03 -1.86 -10.79
N VAL A 115 9.10 -1.18 -11.22
CA VAL A 115 9.76 -1.53 -12.47
C VAL A 115 11.25 -1.74 -12.15
N HIS A 116 11.78 -2.85 -12.60
CA HIS A 116 12.98 -3.48 -12.01
C HIS A 116 14.36 -2.91 -12.31
N PHE A 117 14.42 -1.60 -12.52
CA PHE A 117 15.68 -0.97 -12.93
C PHE A 117 16.54 -0.40 -11.80
N PHE A 118 16.13 -0.60 -10.53
CA PHE A 118 16.94 -0.08 -9.41
C PHE A 118 18.39 -0.53 -9.53
N ARG A 119 19.30 0.40 -9.25
CA ARG A 119 20.73 0.18 -9.36
C ARG A 119 21.39 0.33 -7.97
N PRO A 120 22.13 -0.69 -7.50
CA PRO A 120 22.45 -1.97 -8.14
C PRO A 120 21.32 -3.00 -7.98
N LYS A 121 21.27 -3.95 -8.91
CA LYS A 121 20.31 -5.05 -8.85
C LYS A 121 20.27 -5.72 -7.48
N CYS A 122 21.43 -5.92 -6.89
CA CYS A 122 21.54 -6.72 -5.67
C CYS A 122 20.88 -6.08 -4.45
N LEU A 123 20.46 -4.81 -4.57
CA LEU A 123 19.84 -4.10 -3.46
C LEU A 123 18.37 -3.76 -3.72
N ARG A 124 17.86 -4.15 -4.88
CA ARG A 124 16.49 -3.79 -5.26
C ARG A 124 15.45 -4.31 -4.25
N THR A 125 15.42 -5.63 -4.03
CA THR A 125 14.43 -6.20 -3.10
C THR A 125 14.60 -5.60 -1.73
N ALA A 126 15.85 -5.49 -1.29
CA ALA A 126 16.14 -4.88 0.02
C ALA A 126 15.53 -3.49 0.18
N VAL A 127 15.62 -2.67 -0.87
CA VAL A 127 15.10 -1.32 -0.83
C VAL A 127 13.57 -1.37 -0.80
N TYR A 128 12.95 -2.26 -1.59
CA TYR A 128 11.46 -2.39 -1.52
C TYR A 128 11.05 -2.72 -0.10
N HIS A 129 11.77 -3.65 0.53
CA HIS A 129 11.44 -4.02 1.89
C HIS A 129 11.64 -2.88 2.87
N GLU A 130 12.72 -2.13 2.72
CA GLU A 130 12.96 -0.93 3.54
C GLU A 130 11.83 0.09 3.45
N ILE A 131 11.28 0.29 2.25
CA ILE A 131 10.14 1.20 2.09
C ILE A 131 8.93 0.65 2.84
N LEU A 132 8.62 -0.62 2.64
CA LEU A 132 7.43 -1.23 3.28
C LEU A 132 7.58 -1.26 4.81
N ILE A 133 8.75 -1.65 5.29
CA ILE A 133 8.99 -1.67 6.73
C ILE A 133 8.90 -0.27 7.29
N GLY A 134 9.44 0.71 6.57
CA GLY A 134 9.37 2.12 6.99
C GLY A 134 7.93 2.62 7.08
N TYR A 135 7.09 2.18 6.13
CA TYR A 135 5.69 2.57 6.14
C TYR A 135 4.98 2.03 7.40
N LEU A 136 5.19 0.75 7.69
CA LEU A 136 4.64 0.15 8.92
C LEU A 136 5.20 0.82 10.18
N GLU A 137 6.50 1.06 10.20
CA GLU A 137 7.12 1.82 11.31
C GLU A 137 6.45 3.17 11.57
N TYR A 138 6.19 3.90 10.47
CA TYR A 138 5.61 5.25 10.53
C TYR A 138 4.17 5.21 11.03
N VAL A 139 3.35 4.32 10.47
CA VAL A 139 1.95 4.30 10.91
C VAL A 139 1.80 3.75 12.34
N LYS A 140 2.71 2.86 12.74
CA LYS A 140 2.71 2.38 14.12
C LYS A 140 2.96 3.56 15.06
N LYS A 141 3.91 4.40 14.68
CA LYS A 141 4.25 5.59 15.46
C LYS A 141 3.03 6.49 15.62
N LEU A 142 2.23 6.61 14.56
CA LEU A 142 0.99 7.42 14.60
C LEU A 142 -0.13 6.82 15.43
N GLY A 143 -0.10 5.52 15.64
CA GLY A 143 -1.09 4.81 16.45
C GLY A 143 -1.98 3.85 15.67
N TYR A 144 -1.62 3.51 14.44
CA TYR A 144 -2.38 2.48 13.73
C TYR A 144 -1.93 1.16 14.30
N THR A 145 -2.88 0.28 14.61
CA THR A 145 -2.55 -0.99 15.28
C THR A 145 -2.29 -2.16 14.34
N THR A 146 -2.86 -2.12 13.13
CA THR A 146 -2.93 -3.31 12.28
C THR A 146 -2.74 -2.96 10.81
N GLY A 147 -1.95 -3.75 10.13
CA GLY A 147 -1.80 -3.63 8.67
C GLY A 147 -2.41 -4.82 7.95
N HIS A 148 -2.90 -4.58 6.74
CA HIS A 148 -3.59 -5.60 5.97
C HIS A 148 -3.05 -5.61 4.56
N ILE A 149 -2.69 -6.80 4.09
CA ILE A 149 -2.21 -6.98 2.71
C ILE A 149 -2.96 -8.11 2.00
N TRP A 150 -3.48 -7.82 0.80
CA TRP A 150 -3.93 -8.84 -0.15
C TRP A 150 -2.77 -9.08 -1.11
N ALA A 151 -2.06 -10.20 -0.94
CA ALA A 151 -0.86 -10.50 -1.74
C ALA A 151 -1.24 -11.16 -3.07
N CYS A 152 -1.69 -10.36 -4.03
CA CYS A 152 -2.20 -10.91 -5.27
C CYS A 152 -1.44 -10.31 -6.45
N PRO A 153 -0.65 -11.13 -7.17
CA PRO A 153 0.00 -10.53 -8.34
C PRO A 153 -0.96 -10.20 -9.48
N PRO A 154 -0.56 -9.25 -10.34
CA PRO A 154 -1.42 -8.89 -11.46
C PRO A 154 -1.60 -10.07 -12.41
N SER A 155 -2.73 -10.09 -13.10
CA SER A 155 -3.00 -11.13 -14.08
C SER A 155 -2.11 -10.92 -15.30
N GLU A 156 -1.96 -11.98 -16.09
CA GLU A 156 -1.05 -11.99 -17.23
C GLU A 156 -1.27 -10.74 -18.09
N GLY A 157 -0.22 -9.93 -18.22
CA GLY A 157 -0.24 -8.76 -19.09
C GLY A 157 -0.87 -7.49 -18.53
N ASP A 158 -1.37 -7.55 -17.28
CA ASP A 158 -2.02 -6.40 -16.64
C ASP A 158 -0.99 -5.64 -15.81
N ASP A 159 -1.18 -4.32 -15.70
CA ASP A 159 -0.28 -3.42 -14.92
C ASP A 159 -1.04 -2.77 -13.78
N TYR A 160 -0.50 -2.84 -12.56
CA TYR A 160 -1.20 -2.21 -11.44
C TYR A 160 -1.04 -0.71 -11.46
N ILE A 161 0.19 -0.22 -11.59
CA ILE A 161 0.44 1.22 -11.50
C ILE A 161 1.18 1.75 -12.72
N PHE A 162 2.24 1.06 -13.12
CA PHE A 162 3.10 1.50 -14.22
C PHE A 162 2.73 0.87 -15.57
N HIS A 163 2.44 1.71 -16.56
CA HIS A 163 2.06 1.23 -17.89
C HIS A 163 3.23 0.57 -18.63
N CYS A 164 3.00 -0.65 -19.12
CA CYS A 164 3.97 -1.35 -19.97
C CYS A 164 5.27 -1.65 -19.25
N HIS A 165 5.24 -2.70 -18.42
CA HIS A 165 6.44 -3.18 -17.74
C HIS A 165 7.43 -3.79 -18.73
N PRO A 166 8.71 -3.92 -18.32
CA PRO A 166 9.66 -4.56 -19.20
C PRO A 166 9.20 -5.98 -19.49
N PRO A 167 9.29 -6.41 -20.75
CA PRO A 167 8.87 -7.76 -21.13
C PRO A 167 9.59 -8.83 -20.33
N ASP A 168 10.79 -8.53 -19.86
CA ASP A 168 11.59 -9.51 -19.14
C ASP A 168 11.57 -9.34 -17.62
N GLN A 169 10.72 -8.45 -17.13
CA GLN A 169 10.46 -8.39 -15.70
C GLN A 169 9.46 -9.49 -15.36
N LYS A 170 9.95 -10.54 -14.70
CA LYS A 170 9.04 -11.64 -14.34
C LYS A 170 8.08 -11.16 -13.26
N ILE A 171 6.83 -11.61 -13.37
CA ILE A 171 5.82 -11.35 -12.34
C ILE A 171 5.75 -12.58 -11.41
N PRO A 172 5.92 -12.38 -10.11
CA PRO A 172 5.90 -13.53 -9.21
C PRO A 172 4.54 -14.21 -9.20
N LYS A 173 4.56 -15.52 -9.05
CA LYS A 173 3.34 -16.28 -8.76
C LYS A 173 2.96 -16.09 -7.31
N PRO A 174 1.72 -16.43 -6.92
CA PRO A 174 1.28 -16.30 -5.54
C PRO A 174 2.23 -16.80 -4.48
N LYS A 175 2.74 -18.02 -4.60
CA LYS A 175 3.65 -18.54 -3.57
C LYS A 175 4.90 -17.67 -3.38
N ARG A 176 5.52 -17.27 -4.49
CA ARG A 176 6.70 -16.41 -4.43
C ARG A 176 6.39 -15.06 -3.77
N LEU A 177 5.25 -14.47 -4.13
CA LEU A 177 4.88 -13.17 -3.59
C LEU A 177 4.61 -13.29 -2.08
N GLN A 178 3.94 -14.38 -1.70
CA GLN A 178 3.69 -14.64 -0.27
C GLN A 178 4.99 -14.75 0.52
N GLU A 179 5.95 -15.47 -0.02
CA GLU A 179 7.25 -15.63 0.62
C GLU A 179 7.99 -14.31 0.72
N TRP A 180 7.81 -13.46 -0.30
CA TRP A 180 8.40 -12.12 -0.35
C TRP A 180 7.86 -11.28 0.82
N TYR A 181 6.55 -11.33 1.04
CA TYR A 181 5.97 -10.62 2.18
C TYR A 181 6.43 -11.19 3.52
N LYS A 182 6.53 -12.52 3.63
CA LYS A 182 7.05 -13.10 4.87
C LYS A 182 8.50 -12.65 5.18
N LYS A 183 9.33 -12.55 4.14
CA LYS A 183 10.71 -12.08 4.34
C LYS A 183 10.73 -10.64 4.87
N MET A 184 9.91 -9.78 4.25
CA MET A 184 9.79 -8.38 4.67
C MET A 184 9.31 -8.36 6.11
N LEU A 185 8.26 -9.14 6.41
CA LEU A 185 7.65 -9.07 7.77
C LEU A 185 8.56 -9.64 8.83
N ASP A 186 9.30 -10.70 8.49
CA ASP A 186 10.28 -11.26 9.43
C ASP A 186 11.36 -10.24 9.81
N LYS A 187 11.79 -9.44 8.83
CA LYS A 187 12.74 -8.35 9.13
C LYS A 187 12.09 -7.33 10.06
N ALA A 188 10.85 -6.94 9.78
CA ALA A 188 10.13 -5.99 10.61
C ALA A 188 9.97 -6.51 12.03
N VAL A 189 9.71 -7.82 12.17
CA VAL A 189 9.64 -8.43 13.50
C VAL A 189 10.98 -8.35 14.23
N SER A 190 12.07 -8.63 13.53
CA SER A 190 13.38 -8.56 14.17
C SER A 190 13.71 -7.17 14.65
N GLU A 191 13.21 -6.16 13.92
CA GLU A 191 13.44 -4.75 14.28
C GLU A 191 12.46 -4.23 15.32
N ARG A 192 11.58 -5.14 15.77
CA ARG A 192 10.55 -4.86 16.79
C ARG A 192 9.56 -3.81 16.30
N ILE A 193 9.34 -3.78 15.00
CA ILE A 193 8.35 -2.89 14.41
C ILE A 193 7.03 -3.64 14.39
N VAL A 194 7.07 -4.84 13.84
CA VAL A 194 5.89 -5.73 13.86
C VAL A 194 5.98 -6.66 15.07
N HIS A 195 4.86 -6.81 15.78
CA HIS A 195 4.79 -7.72 16.91
C HIS A 195 4.71 -9.14 16.41
N ASP A 196 3.75 -9.35 15.50
CA ASP A 196 3.55 -10.64 14.87
C ASP A 196 2.61 -10.48 13.69
N TYR A 197 2.42 -11.54 12.91
CA TYR A 197 1.50 -11.50 11.80
C TYR A 197 0.86 -12.87 11.63
N LYS A 198 -0.32 -12.88 11.02
CA LYS A 198 -1.11 -14.10 10.93
C LYS A 198 -1.82 -14.09 9.60
N ASP A 199 -2.15 -15.26 9.09
CA ASP A 199 -3.07 -15.33 7.94
C ASP A 199 -4.49 -15.01 8.43
N ILE A 200 -5.37 -14.67 7.49
CA ILE A 200 -6.67 -14.16 7.85
C ILE A 200 -7.47 -15.21 8.66
N PHE A 201 -7.30 -16.48 8.31
CA PHE A 201 -8.05 -17.55 8.93
C PHE A 201 -7.63 -17.77 10.40
N LYS A 202 -6.31 -17.78 10.64
CA LYS A 202 -5.78 -17.93 11.99
C LYS A 202 -6.19 -16.72 12.82
N GLN A 203 -6.10 -15.53 12.21
CA GLN A 203 -6.54 -14.31 12.88
C GLN A 203 -7.98 -14.40 13.33
N ALA A 204 -8.87 -14.80 12.43
CA ALA A 204 -10.30 -14.89 12.78
C ALA A 204 -10.55 -15.94 13.85
N THR A 205 -9.84 -17.05 13.78
CA THR A 205 -9.95 -18.12 14.76
C THR A 205 -9.52 -17.65 16.15
N GLU A 206 -8.36 -17.01 16.23
CA GLU A 206 -7.83 -16.52 17.52
C GLU A 206 -8.72 -15.44 18.14
N ASP A 207 -9.25 -14.56 17.28
CA ASP A 207 -10.18 -13.51 17.69
C ASP A 207 -11.54 -14.06 18.09
N ARG A 208 -11.77 -15.32 17.73
CA ARG A 208 -13.07 -15.98 17.90
C ARG A 208 -14.19 -15.19 17.21
N LEU A 209 -13.95 -14.75 15.98
CA LEU A 209 -14.98 -13.98 15.27
C LEU A 209 -16.18 -14.86 15.00
N THR A 210 -17.37 -14.29 15.18
CA THR A 210 -18.61 -15.05 15.04
C THR A 210 -19.58 -14.42 14.03
N SER A 211 -19.24 -13.24 13.52
CA SER A 211 -20.10 -12.54 12.57
C SER A 211 -19.28 -11.85 11.48
N ALA A 212 -19.81 -11.88 10.25
CA ALA A 212 -19.16 -11.22 9.10
C ALA A 212 -18.98 -9.73 9.29
N LYS A 213 -19.86 -9.12 10.09
CA LYS A 213 -19.76 -7.69 10.43
C LYS A 213 -18.46 -7.32 11.15
N GLU A 214 -17.75 -8.32 11.69
CA GLU A 214 -16.53 -8.11 12.46
C GLU A 214 -15.27 -8.05 11.60
N LEU A 215 -15.38 -8.48 10.35
CA LEU A 215 -14.22 -8.51 9.45
C LEU A 215 -13.99 -7.12 8.86
N PRO A 216 -12.74 -6.62 8.89
CA PRO A 216 -12.43 -5.31 8.35
C PRO A 216 -12.90 -5.19 6.89
N TYR A 217 -13.48 -4.05 6.56
CA TYR A 217 -14.20 -3.86 5.31
C TYR A 217 -13.54 -2.75 4.48
N PHE A 218 -12.72 -3.16 3.50
CA PHE A 218 -11.89 -2.20 2.75
C PHE A 218 -12.33 -1.96 1.31
N GLU A 219 -12.08 -0.75 0.81
CA GLU A 219 -12.43 -0.42 -0.58
C GLU A 219 -11.68 -1.32 -1.55
N GLY A 220 -12.44 -1.96 -2.42
CA GLY A 220 -11.84 -2.74 -3.49
C GLY A 220 -11.27 -4.07 -3.08
N ASP A 221 -11.40 -4.43 -1.80
CA ASP A 221 -10.81 -5.67 -1.32
C ASP A 221 -11.64 -6.89 -1.69
N PHE A 222 -11.02 -8.06 -1.57
CA PHE A 222 -11.63 -9.35 -1.86
C PHE A 222 -12.85 -9.61 -0.97
N TRP A 223 -12.76 -9.27 0.30
CA TRP A 223 -13.75 -9.73 1.29
C TRP A 223 -15.15 -9.13 1.15
N PRO A 224 -15.28 -7.79 0.95
CA PRO A 224 -16.63 -7.29 0.63
C PRO A 224 -17.28 -7.96 -0.59
N ASN A 225 -16.52 -8.23 -1.65
CA ASN A 225 -17.07 -8.91 -2.84
C ASN A 225 -17.46 -10.36 -2.57
N VAL A 226 -16.63 -11.06 -1.81
CA VAL A 226 -16.93 -12.46 -1.46
C VAL A 226 -18.11 -12.59 -0.50
N LEU A 227 -18.33 -11.56 0.34
CA LEU A 227 -19.49 -11.48 1.23
C LEU A 227 -20.79 -11.31 0.43
N GLU A 228 -20.71 -10.54 -0.66
CA GLU A 228 -21.84 -10.35 -1.56
C GLU A 228 -22.15 -11.60 -2.38
N GLU A 229 -21.10 -12.23 -2.91
CA GLU A 229 -21.21 -13.45 -3.69
C GLU A 229 -21.72 -14.61 -2.82
N SER A 230 -21.35 -14.60 -1.54
CA SER A 230 -21.83 -15.60 -0.58
C SER A 230 -23.28 -15.38 -0.17
N ILE A 231 -23.67 -14.12 -0.03
CA ILE A 231 -25.01 -13.74 0.43
C ILE A 231 -26.10 -14.13 -0.59
N LYS A 232 -25.71 -14.27 -1.85
CA LYS A 232 -26.62 -14.76 -2.89
C LYS A 232 -26.81 -16.27 -2.73
N GLU A 233 -28.04 -16.68 -2.44
CA GLU A 233 -28.40 -18.08 -2.20
C GLU A 233 -29.75 -18.43 -2.83
N SER A 295 -21.51 -17.09 7.38
CA SER A 295 -20.57 -17.08 8.49
C SER A 295 -19.71 -18.35 8.54
N GLN A 296 -20.36 -19.50 8.33
CA GLN A 296 -19.65 -20.76 8.11
C GLN A 296 -19.03 -20.78 6.70
N LYS A 297 -19.67 -20.07 5.76
CA LYS A 297 -19.16 -19.92 4.40
C LYS A 297 -17.89 -19.10 4.43
N LEU A 298 -17.98 -17.95 5.09
CA LEU A 298 -16.86 -17.04 5.32
C LEU A 298 -15.64 -17.75 5.90
N TYR A 299 -15.84 -18.55 6.96
CA TYR A 299 -14.75 -19.31 7.57
C TYR A 299 -14.13 -20.30 6.59
N ALA A 300 -14.97 -20.96 5.79
CA ALA A 300 -14.50 -21.84 4.73
C ALA A 300 -13.70 -21.09 3.66
N THR A 301 -14.16 -19.92 3.27
CA THR A 301 -13.49 -19.14 2.22
C THR A 301 -12.16 -18.62 2.76
N MET A 302 -12.16 -18.16 4.02
CA MET A 302 -10.93 -17.74 4.68
C MET A 302 -9.87 -18.83 4.75
N GLU A 303 -10.27 -20.06 5.06
CA GLU A 303 -9.33 -21.18 5.11
C GLU A 303 -8.73 -21.49 3.75
N LYS A 304 -9.58 -21.43 2.72
CA LYS A 304 -9.17 -21.72 1.35
C LYS A 304 -8.15 -20.70 0.82
N HIS A 305 -8.36 -19.43 1.13
CA HIS A 305 -7.47 -18.34 0.67
C HIS A 305 -6.58 -17.78 1.78
N LYS A 306 -6.41 -18.49 2.89
CA LYS A 306 -5.69 -17.92 4.03
C LYS A 306 -4.32 -17.35 3.67
N GLU A 307 -3.59 -18.05 2.79
CA GLU A 307 -2.18 -17.75 2.55
C GLU A 307 -1.98 -16.44 1.76
N VAL A 308 -3.06 -15.96 1.18
CA VAL A 308 -3.07 -14.74 0.37
C VAL A 308 -3.23 -13.48 1.22
N PHE A 309 -3.75 -13.63 2.44
CA PHE A 309 -4.15 -12.46 3.23
C PHE A 309 -3.41 -12.35 4.54
N PHE A 310 -2.61 -11.30 4.67
CA PHE A 310 -1.78 -11.04 5.86
C PHE A 310 -2.44 -10.05 6.78
N VAL A 311 -2.46 -10.37 8.07
CA VAL A 311 -2.93 -9.44 9.08
C VAL A 311 -1.74 -9.16 10.00
N ILE A 312 -1.30 -7.91 10.03
CA ILE A 312 0.00 -7.52 10.59
C ILE A 312 -0.22 -6.71 11.86
N ARG A 313 0.15 -7.26 13.00
CA ARG A 313 -0.09 -6.59 14.29
C ARG A 313 1.10 -5.70 14.65
N LEU A 314 0.86 -4.39 14.63
CA LEU A 314 1.89 -3.38 14.92
C LEU A 314 1.95 -3.10 16.42
N ILE A 315 0.78 -3.06 17.06
CA ILE A 315 0.65 -2.75 18.49
C ILE A 315 -0.19 -3.86 19.13
N ALA A 316 0.35 -4.51 20.16
CA ALA A 316 -0.31 -5.63 20.86
C ALA A 316 -0.41 -5.38 22.35
N GLY A 317 -1.18 -6.23 23.03
CA GLY A 317 -1.30 -6.20 24.50
C GLY A 317 -1.97 -4.93 25.00
N PRO A 318 -1.64 -4.52 26.24
CA PRO A 318 -2.17 -3.28 26.83
C PRO A 318 -1.74 -2.03 26.08
N ALA A 319 -0.60 -2.07 25.40
CA ALA A 319 -0.12 -0.96 24.60
C ALA A 319 -1.14 -0.54 23.54
N ALA A 320 -1.97 -1.50 23.11
CA ALA A 320 -2.97 -1.24 22.08
C ALA A 320 -4.30 -0.73 22.64
N ASN A 321 -4.43 -0.77 23.97
CA ASN A 321 -5.72 -0.55 24.63
C ASN A 321 -6.19 0.89 24.83
N SER A 322 -5.27 1.77 25.20
CA SER A 322 -5.69 3.11 25.58
C SER A 322 -4.88 4.14 24.81
N LEU A 323 -4.90 4.02 23.48
CA LEU A 323 -4.18 4.93 22.62
C LEU A 323 -4.91 6.26 22.48
N PRO A 324 -4.16 7.36 22.36
CA PRO A 324 -4.74 8.66 22.07
C PRO A 324 -5.18 8.68 20.59
N PRO A 325 -5.96 9.71 20.18
CA PRO A 325 -6.36 9.79 18.77
C PRO A 325 -5.18 9.80 17.80
N ILE A 326 -5.41 9.26 16.60
CA ILE A 326 -4.45 9.42 15.51
C ILE A 326 -4.54 10.85 15.01
N VAL A 327 -3.41 11.55 15.06
CA VAL A 327 -3.28 12.86 14.42
C VAL A 327 -2.19 12.79 13.32
N ASP A 328 -2.61 12.91 12.07
CA ASP A 328 -1.65 12.87 10.93
C ASP A 328 -1.19 14.31 10.69
N PRO A 329 0.12 14.59 10.81
CA PRO A 329 0.63 15.96 10.65
C PRO A 329 0.64 16.47 9.20
N ASP A 330 0.53 15.56 8.23
CA ASP A 330 0.55 15.90 6.81
C ASP A 330 -0.82 16.36 6.28
N PRO A 331 -0.84 17.43 5.46
CA PRO A 331 -2.10 17.90 4.89
C PRO A 331 -2.60 17.03 3.75
N LEU A 332 -3.88 17.17 3.40
CA LEU A 332 -4.36 16.59 2.15
C LEU A 332 -3.62 17.18 0.95
N ILE A 333 -3.46 16.36 -0.07
CA ILE A 333 -2.77 16.76 -1.30
C ILE A 333 -3.68 16.41 -2.45
N PRO A 334 -4.41 17.42 -2.96
CA PRO A 334 -5.25 17.14 -4.12
C PRO A 334 -4.34 16.88 -5.32
N CYS A 335 -4.59 15.80 -6.03
CA CYS A 335 -3.88 15.52 -7.26
C CYS A 335 -4.73 14.52 -8.00
N ASP A 336 -5.42 14.99 -9.04
CA ASP A 336 -6.29 14.09 -9.78
C ASP A 336 -5.54 12.99 -10.52
N LEU A 337 -4.31 13.29 -10.95
CA LEU A 337 -3.50 12.34 -11.69
C LEU A 337 -3.25 11.05 -10.89
N MET A 338 -3.18 11.20 -9.57
CA MET A 338 -2.77 10.11 -8.69
C MET A 338 -3.88 9.72 -7.71
N ASP A 339 -5.11 10.15 -8.01
CA ASP A 339 -6.26 9.75 -7.22
C ASP A 339 -6.66 8.35 -7.63
N GLY A 340 -6.06 7.35 -6.97
CA GLY A 340 -6.19 5.97 -7.41
C GLY A 340 -5.27 5.75 -8.62
N ARG A 341 -5.37 4.59 -9.24
CA ARG A 341 -4.38 4.18 -10.24
C ARG A 341 -4.80 4.39 -11.70
N ASP A 342 -6.09 4.60 -11.91
CA ASP A 342 -6.59 4.66 -13.28
C ASP A 342 -6.04 5.84 -14.08
N ALA A 343 -6.00 7.03 -13.48
CA ALA A 343 -5.67 8.24 -14.25
C ALA A 343 -4.25 8.24 -14.78
N PHE A 344 -3.30 7.68 -14.02
CA PHE A 344 -1.91 7.61 -14.46
C PHE A 344 -1.73 6.54 -15.54
N LEU A 345 -2.37 5.39 -15.40
CA LEU A 345 -2.33 4.41 -16.50
C LEU A 345 -2.87 5.02 -17.80
N THR A 346 -3.97 5.78 -17.69
CA THR A 346 -4.56 6.40 -18.89
C THR A 346 -3.64 7.45 -19.51
N LEU A 347 -3.04 8.30 -18.69
CA LEU A 347 -2.04 9.27 -19.17
C LEU A 347 -0.92 8.57 -19.92
N ALA A 348 -0.38 7.48 -19.33
CA ALA A 348 0.73 6.79 -19.94
C ALA A 348 0.31 6.12 -21.27
N ARG A 349 -0.85 5.49 -21.28
CA ARG A 349 -1.37 4.87 -22.49
C ARG A 349 -1.56 5.88 -23.60
N ASP A 350 -2.18 7.01 -23.26
CA ASP A 350 -2.54 8.01 -24.26
C ASP A 350 -1.35 8.78 -24.82
N ARG A 351 -0.31 8.94 -24.00
CA ARG A 351 0.87 9.69 -24.39
C ARG A 351 2.02 8.78 -24.81
N HIS A 352 1.71 7.49 -24.98
CA HIS A 352 2.67 6.48 -25.47
C HIS A 352 3.93 6.43 -24.61
N LEU A 353 3.74 6.50 -23.29
CA LEU A 353 4.83 6.40 -22.35
C LEU A 353 4.88 4.92 -22.02
N GLU A 354 6.04 4.43 -21.66
CA GLU A 354 6.15 3.04 -21.23
C GLU A 354 7.22 3.02 -20.16
N PHE A 355 7.16 2.00 -19.30
CA PHE A 355 8.19 1.76 -18.32
C PHE A 355 8.98 0.49 -18.67
N SER A 356 9.20 0.29 -19.97
CA SER A 356 9.59 -1.02 -20.54
C SER A 356 11.11 -1.23 -20.66
N SER A 357 11.86 -0.15 -20.51
CA SER A 357 13.35 -0.20 -20.51
C SER A 357 13.85 0.89 -19.59
N LEU A 358 15.11 0.84 -19.17
CA LEU A 358 15.58 1.87 -18.24
C LEU A 358 15.37 3.27 -18.85
N ARG A 359 15.84 3.45 -20.09
CA ARG A 359 15.79 4.79 -20.72
C ARG A 359 14.33 5.22 -20.93
N ARG A 360 13.48 4.28 -21.34
CA ARG A 360 12.05 4.62 -21.51
C ARG A 360 11.38 4.98 -20.21
N ALA A 361 11.67 4.21 -19.18
CA ALA A 361 11.19 4.50 -17.82
C ALA A 361 11.67 5.86 -17.33
N GLN A 362 12.92 6.21 -17.61
CA GLN A 362 13.42 7.55 -17.19
C GLN A 362 12.69 8.69 -17.94
N TRP A 363 12.43 8.47 -19.22
CA TRP A 363 11.70 9.44 -20.03
C TRP A 363 10.29 9.61 -19.48
N SER A 364 9.62 8.49 -19.24
CA SER A 364 8.26 8.51 -18.69
C SER A 364 8.23 9.14 -17.30
N THR A 365 9.26 8.89 -16.48
CA THR A 365 9.39 9.53 -15.17
C THR A 365 9.43 11.05 -15.34
N GLY A 366 10.22 11.51 -16.30
CA GLY A 366 10.33 12.94 -16.60
C GLY A 366 8.98 13.52 -16.95
N CYS A 367 8.25 12.82 -17.82
CA CYS A 367 6.91 13.27 -18.23
C CYS A 367 5.93 13.27 -17.05
N MET A 368 6.02 12.24 -16.20
CA MET A 368 5.16 12.14 -15.02
C MET A 368 5.42 13.34 -14.10
N LEU A 369 6.68 13.67 -13.90
CA LEU A 369 7.06 14.75 -13.02
C LEU A 369 6.59 16.13 -13.51
N VAL A 370 6.69 16.37 -14.81
CA VAL A 370 6.19 17.62 -15.40
C VAL A 370 4.69 17.75 -15.11
N GLU A 371 3.97 16.63 -15.24
CA GLU A 371 2.53 16.68 -15.07
C GLU A 371 2.20 16.87 -13.60
N LEU A 372 2.93 16.19 -12.71
CA LEU A 372 2.69 16.37 -11.26
C LEU A 372 2.92 17.81 -10.82
N HIS A 373 4.02 18.38 -11.28
CA HIS A 373 4.36 19.76 -10.95
C HIS A 373 3.36 20.76 -11.54
N THR A 374 2.97 20.52 -12.79
CA THR A 374 2.10 21.52 -13.45
C THR A 374 0.63 21.42 -12.98
N GLN A 375 0.16 20.23 -12.59
CA GLN A 375 -1.13 20.08 -11.90
C GLN A 375 -1.18 20.76 -10.53
N SER A 376 -0.03 20.78 -9.85
CA SER A 376 0.09 21.31 -8.49
C SER A 376 0.26 22.82 -8.38
N GLN A 377 0.62 23.45 -9.49
CA GLN A 377 0.95 24.88 -9.49
C GLN A 377 -0.22 25.77 -9.05
N ASP A 378 0.13 26.89 -8.42
CA ASP A 378 -0.84 27.92 -8.06
C ASP A 378 -0.53 29.19 -8.85
#